data_5LA1
#
_entry.id   5LA1
#
_cell.length_a   67.911
_cell.length_b   72.514
_cell.length_c   109.537
_cell.angle_alpha   90.00
_cell.angle_beta   90.00
_cell.angle_gamma   90.00
#
_symmetry.space_group_name_H-M   'P 21 21 21'
#
loop_
_entity.id
_entity.type
_entity.pdbx_description
1 polymer 'Carbohydrate binding family 6'
2 non-polymer beta-D-xylopyranose
3 non-polymer 'CALCIUM ION'
4 non-polymer TRIS-HYDROXYMETHYL-METHYL-AMMONIUM
5 water water
#
_entity_poly.entity_id   1
_entity_poly.type   'polypeptide(L)'
_entity_poly.pdbx_seq_one_letter_code
;MASSPQRGRPRLNAARTTFVGDNGQPLRGPYTSTEWTAAAPYDQIARVKELGFNAVHLYAECFDPRYPAPGSKAPGYAVN
EIDKIVERTRELGLYLVITIGNGANNGNHNAQWARDFWKFYAPRYAKETHVLYEIHNEPVAWGPPYSSSTANPPGAVDME
IDVYRIIRTYAPETPVLLFSYAVFGGKGGAAEALKDIRAFNKAVFGNENAVWTNEAVAFHGYAGWQETTIAVEELLKAGY
PCFMTEYAGGAWGSGMGGLDVELTYELERLGVSWLTFQYIPPTGVSDDVTKPEYFSALVENSGLSWTPDYGNWPAARGVY
GNGGLARETATWINNFLTGTTRIEAEDFDWGGNGVSYYDTDSVNVGGQYRPDEGVDIEKTSDTGGGYNVGWISEGEWLEY
TIRVRNPGYYNLSLRVAGISGSRVQVSFGNQDKTGVWELPATGGFQTWTTATRQVFLGAGLQKLRINALSGGFNLNWIEL
SPILEHHHHHH
;
_entity_poly.pdbx_strand_id   A
#
loop_
_chem_comp.id
_chem_comp.type
_chem_comp.name
_chem_comp.formula
144 non-polymer TRIS-HYDROXYMETHYL-METHYL-AMMONIUM 'C4 H12 N O3 1'
CA non-polymer 'CALCIUM ION' 'Ca 2'
XYP D-saccharide, beta linking beta-D-xylopyranose 'C5 H10 O5'
#
# COMPACT_ATOMS: atom_id res chain seq x y z
N ALA A 2 10.73 -19.64 19.30
CA ALA A 2 12.17 -19.88 19.51
C ALA A 2 12.86 -18.65 20.08
N SER A 3 14.11 -18.83 20.54
CA SER A 3 14.90 -17.84 21.32
C SER A 3 15.59 -16.75 20.50
N SER A 4 14.89 -16.28 19.50
CA SER A 4 15.47 -15.58 18.40
C SER A 4 14.39 -14.60 17.96
N PRO A 5 14.76 -13.36 17.69
CA PRO A 5 13.83 -12.47 17.02
C PRO A 5 13.61 -12.83 15.50
N GLN A 6 14.43 -13.74 14.95
CA GLN A 6 14.41 -14.10 13.53
C GLN A 6 13.04 -14.57 13.09
N ARG A 7 12.56 -14.03 11.97
CA ARG A 7 11.23 -14.40 11.52
C ARG A 7 11.22 -15.78 10.87
N GLY A 8 10.11 -16.48 11.06
CA GLY A 8 9.87 -17.78 10.47
C GLY A 8 9.55 -17.63 8.97
N ARG A 9 9.55 -18.76 8.27
CA ARG A 9 9.36 -18.79 6.81
C ARG A 9 8.06 -18.11 6.43
N PRO A 10 8.12 -17.13 5.48
CA PRO A 10 6.89 -16.65 4.92
C PRO A 10 6.36 -17.76 4.01
N ARG A 11 5.05 -17.89 3.99
CA ARG A 11 4.38 -18.89 3.17
C ARG A 11 3.20 -18.24 2.48
N LEU A 12 2.74 -18.86 1.39
CA LEU A 12 1.50 -18.43 0.74
C LEU A 12 0.36 -18.42 1.74
N ASN A 13 -0.47 -17.36 1.69
CA ASN A 13 -1.61 -17.26 2.57
C ASN A 13 -2.71 -18.24 2.15
N ALA A 14 -3.70 -18.39 3.02
CA ALA A 14 -4.83 -19.28 2.73
C ALA A 14 -5.55 -18.96 1.41
N ALA A 15 -5.74 -17.68 1.11
CA ALA A 15 -6.38 -17.25 -0.14
C ALA A 15 -5.50 -17.42 -1.38
N ARG A 16 -4.22 -17.75 -1.19
CA ARG A 16 -3.23 -17.89 -2.27
C ARG A 16 -3.16 -16.59 -3.11
N THR A 17 -3.14 -15.45 -2.43
CA THR A 17 -2.93 -14.18 -3.09
C THR A 17 -1.49 -13.68 -3.01
N THR A 18 -0.78 -14.04 -1.95
CA THR A 18 0.58 -13.55 -1.74
C THR A 18 1.34 -14.36 -0.69
N PHE A 19 2.60 -13.98 -0.44
CA PHE A 19 3.33 -14.46 0.73
C PHE A 19 3.01 -13.61 1.94
N VAL A 20 2.73 -14.28 3.05
CA VAL A 20 2.54 -13.63 4.33
C VAL A 20 3.58 -14.17 5.32
N GLY A 21 3.83 -13.41 6.37
CA GLY A 21 4.84 -13.76 7.34
C GLY A 21 4.36 -14.80 8.35
N ASP A 22 5.16 -14.95 9.38
CA ASP A 22 4.92 -15.95 10.44
C ASP A 22 3.81 -15.53 11.44
N ASN A 23 3.11 -14.43 11.15
CA ASN A 23 1.93 -13.98 11.90
C ASN A 23 0.72 -13.83 10.96
N GLY A 24 0.83 -14.36 9.74
CA GLY A 24 -0.22 -14.21 8.74
C GLY A 24 -0.37 -12.86 8.06
N GLN A 25 0.52 -11.92 8.29
CA GLN A 25 0.41 -10.57 7.74
C GLN A 25 1.23 -10.42 6.49
N PRO A 26 0.74 -9.60 5.55
CA PRO A 26 1.55 -9.33 4.36
C PRO A 26 2.91 -8.72 4.73
N LEU A 27 3.83 -8.84 3.82
CA LEU A 27 5.12 -8.20 3.92
C LEU A 27 4.99 -6.81 3.32
N ARG A 28 5.56 -5.82 4.02
CA ARG A 28 5.49 -4.42 3.63
C ARG A 28 6.83 -3.79 3.94
N GLY A 29 7.45 -3.13 2.97
CA GLY A 29 8.75 -2.56 3.24
C GLY A 29 9.27 -1.61 2.19
N PRO A 30 10.34 -0.89 2.52
CA PRO A 30 11.08 -0.09 1.56
C PRO A 30 12.26 -0.89 1.00
N TYR A 31 13.20 -0.20 0.33
CA TYR A 31 14.36 -0.87 -0.24
C TYR A 31 15.68 -0.31 0.20
N THR A 32 16.71 -1.09 -0.02
CA THR A 32 18.09 -0.61 0.04
C THR A 32 18.93 -1.33 -0.99
N SER A 33 20.18 -0.88 -1.17
CA SER A 33 21.10 -1.45 -2.12
C SER A 33 22.49 -1.65 -1.53
N THR A 34 23.09 -2.78 -1.90
CA THR A 34 24.53 -3.07 -1.68
C THR A 34 25.28 -3.23 -3.00
N GLU A 35 24.72 -2.71 -4.08
CA GLU A 35 25.29 -2.84 -5.42
C GLU A 35 26.62 -2.08 -5.62
N TRP A 36 26.72 -0.92 -4.99
CA TRP A 36 27.98 -0.16 -4.99
C TRP A 36 28.23 0.60 -3.70
N THR A 37 27.49 0.26 -2.64
CA THR A 37 27.55 0.97 -1.38
C THR A 37 27.71 -0.03 -0.26
N ALA A 38 28.12 0.48 0.90
CA ALA A 38 28.10 -0.31 2.13
C ALA A 38 26.64 -0.64 2.52
N ALA A 39 26.47 -1.70 3.29
CA ALA A 39 25.20 -2.03 3.93
C ALA A 39 24.63 -0.82 4.67
N ALA A 40 23.34 -0.57 4.51
CA ALA A 40 22.69 0.46 5.31
C ALA A 40 22.95 0.18 6.79
N PRO A 41 23.13 1.25 7.59
CA PRO A 41 23.44 0.99 8.99
C PRO A 41 22.34 0.33 9.77
N TYR A 42 22.72 -0.48 10.78
CA TYR A 42 21.75 -1.10 11.70
C TYR A 42 20.67 -0.14 12.19
N ASP A 43 21.08 1.06 12.64
CA ASP A 43 20.15 2.01 13.22
C ASP A 43 19.18 2.60 12.22
N GLN A 44 19.58 2.65 10.96
CA GLN A 44 18.66 3.09 9.89
C GLN A 44 17.69 2.01 9.46
N ILE A 45 18.16 0.78 9.34
CA ILE A 45 17.29 -0.34 9.05
C ILE A 45 16.23 -0.46 10.15
N ALA A 46 16.66 -0.28 11.41
CA ALA A 46 15.71 -0.37 12.53
C ALA A 46 14.53 0.61 12.43
N ARG A 47 14.74 1.75 11.80
CA ARG A 47 13.70 2.77 11.64
C ARG A 47 12.48 2.30 10.85
N VAL A 48 12.67 1.30 9.99
CA VAL A 48 11.56 0.81 9.18
C VAL A 48 10.46 0.26 10.08
N LYS A 49 10.85 -0.32 11.21
CA LYS A 49 9.88 -0.87 12.15
C LYS A 49 8.93 0.18 12.72
N GLU A 50 9.41 1.42 12.88
CA GLU A 50 8.60 2.53 13.39
C GLU A 50 7.72 3.16 12.34
N LEU A 51 7.94 2.79 11.09
CA LEU A 51 7.11 3.23 9.98
C LEU A 51 6.13 2.15 9.53
N GLY A 52 5.91 1.13 10.37
CA GLY A 52 4.89 0.14 10.07
C GLY A 52 5.29 -0.98 9.13
N PHE A 53 6.59 -1.08 8.85
CA PHE A 53 7.11 -2.04 7.93
C PHE A 53 7.60 -3.28 8.66
N ASN A 54 7.67 -4.39 7.94
CA ASN A 54 8.27 -5.63 8.47
C ASN A 54 9.20 -6.32 7.47
N ALA A 55 9.59 -5.63 6.39
CA ALA A 55 10.39 -6.25 5.36
C ALA A 55 11.32 -5.21 4.73
N VAL A 56 12.37 -5.70 4.08
CA VAL A 56 13.31 -4.90 3.33
C VAL A 56 13.55 -5.54 1.96
N HIS A 57 13.48 -4.73 0.91
CA HIS A 57 13.87 -5.14 -0.44
C HIS A 57 15.35 -4.80 -0.65
N LEU A 58 16.16 -5.78 -1.02
CA LEU A 58 17.60 -5.59 -1.28
C LEU A 58 17.95 -5.85 -2.72
N TYR A 59 18.38 -4.79 -3.41
CA TYR A 59 19.06 -4.93 -4.71
C TYR A 59 20.51 -5.20 -4.32
N ALA A 60 20.90 -6.47 -4.37
CA ALA A 60 22.11 -6.93 -3.70
C ALA A 60 23.38 -6.66 -4.50
N GLU A 61 23.33 -6.97 -5.80
CA GLU A 61 24.44 -6.75 -6.74
C GLU A 61 23.84 -6.36 -8.07
N CYS A 62 24.58 -5.60 -8.84
CA CYS A 62 24.16 -5.12 -10.13
C CYS A 62 24.82 -6.02 -11.19
N PHE A 63 24.05 -6.60 -12.12
CA PHE A 63 24.64 -7.49 -13.13
C PHE A 63 25.59 -6.78 -14.06
N ASP A 64 26.59 -7.50 -14.55
CA ASP A 64 27.53 -6.91 -15.53
C ASP A 64 27.13 -7.41 -16.91
N PRO A 65 26.70 -6.52 -17.80
CA PRO A 65 26.28 -6.98 -19.11
C PRO A 65 27.39 -7.59 -20.01
N ARG A 66 28.67 -7.40 -19.65
CA ARG A 66 29.78 -7.91 -20.47
C ARG A 66 30.33 -9.25 -19.95
N TYR A 67 29.82 -9.72 -18.81
CA TYR A 67 30.29 -10.97 -18.20
C TYR A 67 30.05 -12.16 -19.14
N PRO A 68 31.00 -13.09 -19.26
CA PRO A 68 32.21 -13.20 -18.47
C PRO A 68 33.49 -12.73 -19.22
N ALA A 69 33.40 -11.70 -20.06
CA ALA A 69 34.61 -11.19 -20.75
C ALA A 69 35.68 -10.68 -19.78
N PRO A 70 36.97 -10.69 -20.20
CA PRO A 70 38.00 -10.05 -19.38
C PRO A 70 37.58 -8.67 -18.87
N GLY A 71 37.82 -8.44 -17.59
CA GLY A 71 37.49 -7.17 -16.96
C GLY A 71 36.10 -7.07 -16.38
N SER A 72 35.22 -8.02 -16.69
CA SER A 72 33.83 -7.97 -16.18
C SER A 72 33.84 -8.32 -14.70
N LYS A 73 32.83 -7.82 -13.98
CA LYS A 73 32.72 -8.04 -12.55
C LYS A 73 31.82 -9.23 -12.27
N ALA A 74 32.39 -10.29 -11.70
CA ALA A 74 31.61 -11.48 -11.39
C ALA A 74 30.69 -11.27 -10.19
N PRO A 75 29.60 -12.07 -10.10
CA PRO A 75 28.79 -12.02 -8.91
C PRO A 75 29.54 -12.48 -7.66
N GLY A 76 29.09 -12.03 -6.51
CA GLY A 76 29.69 -12.34 -5.24
C GLY A 76 30.56 -11.24 -4.65
N TYR A 77 30.78 -10.18 -5.43
CA TYR A 77 31.61 -9.07 -4.96
C TYR A 77 31.12 -8.32 -3.72
N ALA A 78 29.80 -8.29 -3.46
CA ALA A 78 29.22 -7.56 -2.33
C ALA A 78 28.89 -8.46 -1.14
N VAL A 79 29.39 -9.69 -1.14
CA VAL A 79 29.06 -10.66 -0.10
C VAL A 79 29.14 -10.14 1.34
N ASN A 80 30.20 -9.39 1.64
CA ASN A 80 30.38 -8.89 3.00
C ASN A 80 29.30 -7.90 3.39
N GLU A 81 28.78 -7.14 2.42
CA GLU A 81 27.72 -6.15 2.68
C GLU A 81 26.34 -6.83 2.75
N ILE A 82 26.13 -7.82 1.87
CA ILE A 82 24.87 -8.58 1.87
C ILE A 82 24.75 -9.36 3.18
N ASP A 83 25.83 -9.99 3.61
CA ASP A 83 25.84 -10.64 4.93
C ASP A 83 25.42 -9.73 6.08
N LYS A 84 25.88 -8.46 6.06
CA LYS A 84 25.42 -7.53 7.07
C LYS A 84 23.92 -7.26 6.97
N ILE A 85 23.39 -7.12 5.76
CA ILE A 85 21.94 -6.92 5.61
C ILE A 85 21.17 -8.13 6.16
N VAL A 86 21.65 -9.33 5.83
CA VAL A 86 21.05 -10.56 6.28
C VAL A 86 21.04 -10.62 7.83
N GLU A 87 22.17 -10.31 8.46
CA GLU A 87 22.27 -10.34 9.93
C GLU A 87 21.40 -9.27 10.58
N ARG A 88 21.43 -8.06 10.04
CA ARG A 88 20.70 -6.95 10.66
C ARG A 88 19.21 -7.17 10.58
N THR A 89 18.71 -7.59 9.42
CA THR A 89 17.31 -7.99 9.32
C THR A 89 16.96 -9.20 10.20
N ARG A 90 17.86 -10.19 10.30
CA ARG A 90 17.62 -11.32 11.19
C ARG A 90 17.30 -10.82 12.62
N GLU A 91 18.21 -10.01 13.15
CA GLU A 91 18.14 -9.57 14.56
C GLU A 91 17.01 -8.57 14.82
N LEU A 92 16.65 -7.80 13.78
CA LEU A 92 15.57 -6.83 13.91
C LEU A 92 14.19 -7.43 13.69
N GLY A 93 14.10 -8.70 13.32
CA GLY A 93 12.80 -9.35 13.15
C GLY A 93 12.12 -8.88 11.87
N LEU A 94 12.94 -8.66 10.86
CA LEU A 94 12.46 -8.22 9.52
C LEU A 94 12.65 -9.31 8.48
N TYR A 95 11.76 -9.31 7.48
CA TYR A 95 11.94 -10.12 6.28
C TYR A 95 12.86 -9.41 5.30
N LEU A 96 13.50 -10.19 4.43
CA LEU A 96 14.42 -9.67 3.47
C LEU A 96 14.18 -10.31 2.13
N VAL A 97 13.92 -9.50 1.11
CA VAL A 97 13.79 -9.98 -0.27
C VAL A 97 15.04 -9.57 -1.06
N ILE A 98 15.84 -10.58 -1.44
CA ILE A 98 17.11 -10.38 -2.15
C ILE A 98 16.90 -10.55 -3.66
N THR A 99 17.35 -9.56 -4.43
CA THR A 99 17.34 -9.65 -5.87
C THR A 99 18.62 -9.11 -6.50
N ILE A 100 18.72 -9.39 -7.80
CA ILE A 100 19.73 -8.86 -8.69
C ILE A 100 19.19 -7.57 -9.28
N GLY A 101 19.97 -6.48 -9.16
CA GLY A 101 19.66 -5.20 -9.75
C GLY A 101 20.29 -5.02 -11.09
N ASN A 102 19.98 -3.90 -11.75
CA ASN A 102 20.39 -3.69 -13.14
C ASN A 102 21.18 -2.45 -13.45
N GLY A 103 21.21 -1.48 -12.54
CA GLY A 103 22.04 -0.29 -12.78
C GLY A 103 21.46 0.53 -13.90
N ALA A 104 22.24 0.76 -14.95
CA ALA A 104 21.80 1.47 -16.14
C ALA A 104 20.99 0.60 -17.10
N ASN A 105 20.87 -0.69 -16.81
CA ASN A 105 20.39 -1.66 -17.78
C ASN A 105 19.10 -2.31 -17.30
N ASN A 106 18.18 -1.49 -16.76
CA ASN A 106 16.83 -2.02 -16.48
C ASN A 106 16.19 -2.48 -17.79
N GLY A 107 15.34 -3.51 -17.69
CA GLY A 107 14.75 -4.12 -18.89
C GLY A 107 15.75 -4.96 -19.67
N ASN A 108 16.68 -5.59 -18.97
CA ASN A 108 17.72 -6.42 -19.59
C ASN A 108 18.33 -7.33 -18.51
N HIS A 109 19.06 -8.34 -18.95
CA HIS A 109 19.71 -9.26 -18.04
C HIS A 109 20.84 -9.97 -18.78
N ASN A 110 21.73 -10.58 -17.99
CA ASN A 110 22.77 -11.47 -18.48
C ASN A 110 22.54 -12.83 -17.81
N ALA A 111 22.13 -13.82 -18.59
CA ALA A 111 21.71 -15.09 -18.02
C ALA A 111 22.81 -15.80 -17.28
N GLN A 112 24.03 -15.84 -17.83
CA GLN A 112 25.13 -16.48 -17.16
C GLN A 112 25.45 -15.82 -15.83
N TRP A 113 25.45 -14.49 -15.82
CA TRP A 113 25.73 -13.74 -14.61
C TRP A 113 24.69 -14.13 -13.52
N ALA A 114 23.40 -14.16 -13.90
CA ALA A 114 22.30 -14.49 -13.00
C ALA A 114 22.41 -15.93 -12.46
N ARG A 115 22.71 -16.91 -13.32
CA ARG A 115 22.94 -18.29 -12.86
C ARG A 115 24.10 -18.36 -11.86
N ASP A 116 25.19 -17.67 -12.14
CA ASP A 116 26.35 -17.73 -11.24
C ASP A 116 26.08 -17.01 -9.90
N PHE A 117 25.30 -15.92 -9.96
CA PHE A 117 24.91 -15.21 -8.73
C PHE A 117 24.16 -16.17 -7.78
N TRP A 118 23.16 -16.87 -8.31
CA TRP A 118 22.32 -17.73 -7.47
C TRP A 118 23.01 -19.03 -7.06
N LYS A 119 23.94 -19.53 -7.88
CA LYS A 119 24.76 -20.69 -7.48
C LYS A 119 25.54 -20.37 -6.21
N PHE A 120 25.98 -19.11 -6.08
CA PHE A 120 26.67 -18.67 -4.88
C PHE A 120 25.72 -18.32 -3.72
N TYR A 121 24.76 -17.46 -3.98
CA TYR A 121 23.90 -16.95 -2.92
C TYR A 121 22.77 -17.87 -2.47
N ALA A 122 22.23 -18.72 -3.34
CA ALA A 122 21.12 -19.59 -2.94
C ALA A 122 21.49 -20.49 -1.75
N PRO A 123 22.62 -21.22 -1.85
CA PRO A 123 23.01 -22.01 -0.67
C PRO A 123 23.41 -21.16 0.50
N ARG A 124 23.99 -19.98 0.23
CA ARG A 124 24.49 -19.16 1.33
C ARG A 124 23.40 -18.77 2.34
N TYR A 125 22.21 -18.43 1.85
CA TYR A 125 21.16 -17.95 2.74
C TYR A 125 19.97 -18.87 2.80
N ALA A 126 20.15 -20.12 2.35
CA ALA A 126 19.06 -21.10 2.29
C ALA A 126 18.42 -21.33 3.64
N LYS A 127 19.24 -21.34 4.67
CA LYS A 127 18.75 -21.60 6.02
C LYS A 127 18.28 -20.36 6.77
N GLU A 128 18.40 -19.18 6.18
CA GLU A 128 17.89 -17.93 6.79
C GLU A 128 16.39 -17.83 6.53
N THR A 129 15.59 -18.17 7.56
CA THR A 129 14.14 -18.34 7.39
C THR A 129 13.42 -17.03 7.03
N HIS A 130 14.05 -15.89 7.31
CA HIS A 130 13.49 -14.57 7.03
C HIS A 130 13.80 -14.06 5.60
N VAL A 131 14.53 -14.84 4.80
CA VAL A 131 15.03 -14.38 3.52
C VAL A 131 14.28 -15.05 2.38
N LEU A 132 13.83 -14.21 1.43
CA LEU A 132 13.21 -14.67 0.20
C LEU A 132 14.10 -14.30 -0.98
N TYR A 133 13.98 -15.07 -2.07
CA TYR A 133 14.76 -14.83 -3.30
C TYR A 133 13.87 -14.35 -4.45
N GLU A 134 14.23 -13.20 -5.02
CA GLU A 134 13.58 -12.66 -6.21
C GLU A 134 14.58 -12.80 -7.37
N ILE A 135 14.26 -13.67 -8.33
CA ILE A 135 15.21 -14.11 -9.37
C ILE A 135 16.01 -12.96 -10.00
N HIS A 136 15.33 -11.95 -10.55
CA HIS A 136 16.04 -10.87 -11.26
C HIS A 136 15.12 -9.69 -11.48
N ASN A 137 15.57 -8.50 -11.09
CA ASN A 137 14.82 -7.31 -11.32
C ASN A 137 14.66 -7.06 -12.81
N GLU A 138 13.48 -6.59 -13.19
CA GLU A 138 13.14 -6.08 -14.55
C GLU A 138 14.04 -6.61 -15.70
N PRO A 139 13.95 -7.93 -15.98
CA PRO A 139 14.93 -8.53 -16.92
C PRO A 139 14.64 -8.26 -18.39
N VAL A 140 13.49 -7.69 -18.70
CA VAL A 140 13.02 -7.50 -20.06
C VAL A 140 12.34 -6.16 -20.13
N ALA A 141 12.54 -5.46 -21.25
CA ALA A 141 11.89 -4.17 -21.51
C ALA A 141 10.57 -4.41 -22.25
N TRP A 142 9.38 -4.29 -21.62
CA TRP A 142 9.16 -3.83 -20.25
C TRP A 142 8.17 -4.67 -19.43
N GLY A 143 7.78 -5.82 -19.94
CA GLY A 143 6.69 -6.55 -19.31
C GLY A 143 6.45 -7.83 -20.08
N PRO A 144 5.37 -8.55 -19.74
CA PRO A 144 5.09 -9.82 -20.41
C PRO A 144 4.60 -9.60 -21.86
N PRO A 145 4.75 -10.58 -22.77
CA PRO A 145 5.27 -11.92 -22.48
C PRO A 145 6.75 -12.05 -22.78
N TYR A 146 7.49 -12.43 -21.77
CA TYR A 146 8.90 -12.71 -21.92
C TYR A 146 9.09 -13.86 -22.88
N SER A 147 8.11 -14.76 -22.94
CA SER A 147 8.20 -15.95 -23.78
C SER A 147 8.09 -15.65 -25.29
N SER A 148 7.73 -14.42 -25.66
CA SER A 148 7.69 -14.04 -27.09
C SER A 148 9.06 -14.11 -27.72
N SER A 149 9.15 -14.64 -28.96
CA SER A 149 10.38 -14.65 -29.73
C SER A 149 10.90 -13.22 -29.94
N THR A 150 10.02 -12.23 -29.90
CA THR A 150 10.41 -10.86 -30.10
C THR A 150 10.53 -10.03 -28.78
N ALA A 151 10.61 -10.70 -27.63
CA ALA A 151 10.85 -10.01 -26.35
C ALA A 151 12.20 -9.33 -26.40
N ASN A 152 12.31 -8.21 -25.70
CA ASN A 152 13.50 -7.40 -25.69
C ASN A 152 14.19 -7.40 -24.31
N PRO A 153 15.18 -8.26 -24.05
CA PRO A 153 15.67 -9.30 -24.95
C PRO A 153 14.92 -10.61 -24.82
N PRO A 154 15.16 -11.54 -25.74
CA PRO A 154 14.52 -12.85 -25.69
C PRO A 154 15.17 -13.78 -24.68
N GLY A 155 14.46 -14.83 -24.33
CA GLY A 155 15.00 -15.89 -23.52
C GLY A 155 14.89 -15.74 -22.01
N ALA A 156 14.19 -14.71 -21.51
CA ALA A 156 14.14 -14.54 -20.04
C ALA A 156 13.45 -15.71 -19.34
N VAL A 157 12.45 -16.33 -19.96
CA VAL A 157 11.79 -17.48 -19.31
C VAL A 157 12.80 -18.64 -19.13
N ASP A 158 13.72 -18.83 -20.11
CA ASP A 158 14.76 -19.81 -19.92
C ASP A 158 15.65 -19.49 -18.75
N MET A 159 15.97 -18.21 -18.54
CA MET A 159 16.74 -17.83 -17.37
CA MET A 159 16.74 -17.82 -17.35
C MET A 159 15.95 -18.11 -16.07
N GLU A 160 14.67 -17.80 -16.08
CA GLU A 160 13.80 -18.02 -14.89
C GLU A 160 13.81 -19.50 -14.56
N ILE A 161 13.62 -20.34 -15.58
CA ILE A 161 13.64 -21.79 -15.41
C ILE A 161 14.99 -22.27 -14.86
N ASP A 162 16.10 -21.84 -15.48
CA ASP A 162 17.41 -22.35 -15.08
C ASP A 162 17.76 -21.92 -13.66
N VAL A 163 17.48 -20.65 -13.35
CA VAL A 163 17.71 -20.11 -12.02
C VAL A 163 16.82 -20.75 -10.97
N TYR A 164 15.55 -20.98 -11.30
CA TYR A 164 14.68 -21.63 -10.36
C TYR A 164 15.25 -23.01 -9.94
N ARG A 165 15.71 -23.78 -10.92
CA ARG A 165 16.33 -25.09 -10.64
C ARG A 165 17.56 -25.00 -9.75
N ILE A 166 18.41 -24.04 -10.05
CA ILE A 166 19.57 -23.76 -9.21
C ILE A 166 19.15 -23.45 -7.77
N ILE A 167 18.23 -22.50 -7.63
CA ILE A 167 17.75 -22.12 -6.31
C ILE A 167 17.20 -23.32 -5.54
N ARG A 168 16.37 -24.09 -6.19
CA ARG A 168 15.69 -25.19 -5.49
C ARG A 168 16.58 -26.34 -5.14
N THR A 169 17.62 -26.54 -5.92
CA THR A 169 18.67 -27.51 -5.65
C THR A 169 19.34 -27.23 -4.31
N TYR A 170 19.69 -25.95 -4.06
CA TYR A 170 20.37 -25.55 -2.85
C TYR A 170 19.53 -24.97 -1.74
N ALA A 171 18.33 -24.49 -2.07
CA ALA A 171 17.47 -23.79 -1.10
C ALA A 171 16.04 -24.30 -1.30
N PRO A 172 15.78 -25.55 -0.85
CA PRO A 172 14.47 -26.14 -1.18
C PRO A 172 13.27 -25.53 -0.52
N GLU A 173 13.45 -24.76 0.56
CA GLU A 173 12.36 -24.15 1.32
C GLU A 173 12.20 -22.64 1.10
N THR A 174 13.07 -22.03 0.30
CA THR A 174 13.08 -20.59 0.23
C THR A 174 12.01 -20.05 -0.76
N PRO A 175 11.18 -19.10 -0.31
CA PRO A 175 10.23 -18.47 -1.24
C PRO A 175 10.92 -17.90 -2.44
N VAL A 176 10.36 -18.13 -3.62
CA VAL A 176 10.92 -17.56 -4.86
C VAL A 176 9.89 -16.66 -5.55
N LEU A 177 10.34 -15.45 -5.90
CA LEU A 177 9.53 -14.48 -6.62
C LEU A 177 10.00 -14.41 -8.06
N LEU A 178 9.09 -14.64 -8.99
CA LEU A 178 9.41 -14.82 -10.43
C LEU A 178 9.09 -13.60 -11.29
N PHE A 179 9.84 -13.44 -12.38
CA PHE A 179 9.57 -12.49 -13.47
C PHE A 179 9.88 -11.02 -13.21
N SER A 180 9.41 -10.46 -12.09
CA SER A 180 9.66 -9.06 -11.73
C SER A 180 9.32 -8.10 -12.90
N TYR A 181 8.11 -8.25 -13.42
CA TYR A 181 7.65 -7.45 -14.55
C TYR A 181 7.64 -5.95 -14.23
N ALA A 182 8.29 -5.15 -15.07
CA ALA A 182 8.31 -3.70 -14.87
C ALA A 182 6.93 -3.05 -15.04
N VAL A 183 6.25 -3.46 -16.11
CA VAL A 183 4.97 -2.90 -16.51
C VAL A 183 3.97 -4.05 -16.61
N PHE A 184 3.00 -4.07 -15.69
CA PHE A 184 2.10 -5.19 -15.53
C PHE A 184 0.70 -4.60 -15.41
N GLY A 185 0.02 -4.51 -16.56
CA GLY A 185 -1.22 -3.73 -16.63
C GLY A 185 -2.31 -4.31 -17.52
N GLY A 186 -3.55 -4.17 -17.05
CA GLY A 186 -4.73 -4.53 -17.84
C GLY A 186 -5.01 -5.99 -17.87
N LYS A 187 -6.16 -6.35 -18.41
CA LYS A 187 -6.47 -7.78 -18.65
C LYS A 187 -5.44 -8.40 -19.56
N GLY A 188 -4.93 -7.61 -20.50
CA GLY A 188 -3.89 -8.05 -21.41
C GLY A 188 -2.59 -8.41 -20.71
N GLY A 189 -2.14 -7.56 -19.78
CA GLY A 189 -0.94 -7.88 -19.01
C GLY A 189 -1.06 -9.21 -18.29
N ALA A 190 -2.20 -9.48 -17.65
CA ALA A 190 -2.41 -10.80 -17.01
C ALA A 190 -2.36 -11.95 -18.00
N ALA A 191 -3.04 -11.78 -19.13
CA ALA A 191 -3.06 -12.83 -20.17
C ALA A 191 -1.66 -13.14 -20.70
N GLU A 192 -0.86 -12.10 -20.94
CA GLU A 192 0.51 -12.32 -21.39
C GLU A 192 1.35 -12.97 -20.31
N ALA A 193 1.16 -12.56 -19.04
CA ALA A 193 1.91 -13.18 -17.91
C ALA A 193 1.57 -14.66 -17.84
N LEU A 194 0.30 -15.00 -18.12
CA LEU A 194 -0.12 -16.41 -18.06
C LEU A 194 0.56 -17.26 -19.13
N LYS A 195 0.95 -16.66 -20.26
CA LYS A 195 1.75 -17.38 -21.24
C LYS A 195 3.10 -17.72 -20.64
N ASP A 196 3.73 -16.77 -19.96
CA ASP A 196 5.03 -17.01 -19.36
C ASP A 196 4.94 -18.04 -18.24
N ILE A 197 3.90 -17.92 -17.44
CA ILE A 197 3.66 -18.82 -16.31
C ILE A 197 3.49 -20.26 -16.80
N ARG A 198 2.68 -20.43 -17.84
CA ARG A 198 2.47 -21.76 -18.41
C ARG A 198 3.74 -22.41 -18.97
N ALA A 199 4.56 -21.63 -19.65
CA ALA A 199 5.81 -22.08 -20.22
C ALA A 199 6.79 -22.49 -19.12
N PHE A 200 6.91 -21.63 -18.09
CA PHE A 200 7.73 -21.94 -16.90
C PHE A 200 7.22 -23.21 -16.24
N ASN A 201 5.90 -23.29 -16.04
CA ASN A 201 5.33 -24.42 -15.32
C ASN A 201 5.54 -25.73 -16.06
N LYS A 202 5.40 -25.68 -17.38
CA LYS A 202 5.61 -26.91 -18.16
C LYS A 202 7.04 -27.44 -17.95
N ALA A 203 8.01 -26.54 -18.03
CA ALA A 203 9.43 -26.92 -17.96
C ALA A 203 9.87 -27.39 -16.57
N VAL A 204 9.33 -26.73 -15.54
CA VAL A 204 9.76 -26.96 -14.17
C VAL A 204 8.94 -28.03 -13.46
N PHE A 205 7.63 -27.97 -13.62
CA PHE A 205 6.68 -28.81 -12.86
C PHE A 205 6.02 -29.91 -13.69
N GLY A 206 6.21 -29.90 -15.01
CA GLY A 206 5.67 -30.93 -15.90
C GLY A 206 4.24 -30.70 -16.37
N ASN A 207 3.69 -29.53 -16.08
CA ASN A 207 2.27 -29.27 -16.30
C ASN A 207 2.08 -27.74 -16.37
N GLU A 208 1.51 -27.26 -17.47
CA GLU A 208 1.25 -25.81 -17.63
C GLU A 208 0.47 -25.16 -16.48
N ASN A 209 -0.43 -25.94 -15.87
CA ASN A 209 -1.34 -25.47 -14.81
C ASN A 209 -0.95 -25.86 -13.36
N ALA A 210 0.34 -25.99 -13.09
CA ALA A 210 0.82 -26.23 -11.73
C ALA A 210 0.25 -25.29 -10.66
N VAL A 211 -0.06 -25.87 -9.51
CA VAL A 211 -0.46 -25.12 -8.32
C VAL A 211 0.79 -24.83 -7.47
N TRP A 212 1.29 -23.60 -7.50
CA TRP A 212 2.50 -23.26 -6.74
C TRP A 212 2.31 -23.41 -5.22
N THR A 213 3.29 -24.00 -4.54
CA THR A 213 3.28 -24.09 -3.09
C THR A 213 4.21 -23.07 -2.42
N ASN A 214 5.18 -22.51 -3.15
CA ASN A 214 6.19 -21.63 -2.53
C ASN A 214 6.82 -20.62 -3.50
N GLU A 215 5.96 -20.09 -4.39
CA GLU A 215 6.38 -19.20 -5.47
C GLU A 215 5.28 -18.16 -5.68
N ALA A 216 5.67 -17.00 -6.19
CA ALA A 216 4.68 -15.97 -6.58
C ALA A 216 5.26 -15.13 -7.69
N VAL A 217 4.39 -14.41 -8.38
CA VAL A 217 4.80 -13.48 -9.43
C VAL A 217 5.18 -12.13 -8.82
N ALA A 218 6.43 -11.73 -9.00
CA ALA A 218 6.83 -10.37 -8.65
C ALA A 218 6.49 -9.45 -9.80
N PHE A 219 6.01 -8.27 -9.46
CA PHE A 219 5.64 -7.28 -10.50
C PHE A 219 5.87 -5.92 -9.91
N HIS A 220 5.95 -4.93 -10.79
CA HIS A 220 6.16 -3.56 -10.43
C HIS A 220 4.96 -2.73 -10.85
N GLY A 221 4.96 -1.46 -10.44
CA GLY A 221 3.80 -0.60 -10.61
C GLY A 221 3.80 0.35 -11.78
N TYR A 222 4.72 0.18 -12.74
CA TYR A 222 4.94 1.22 -13.77
C TYR A 222 3.89 1.29 -14.89
N ALA A 223 2.93 0.37 -14.91
CA ALA A 223 1.74 0.55 -15.70
C ALA A 223 0.78 1.60 -15.12
N GLY A 224 1.01 2.04 -13.89
CA GLY A 224 0.13 2.95 -13.19
C GLY A 224 -0.85 2.20 -12.34
N TRP A 225 -1.43 2.87 -11.36
CA TRP A 225 -2.21 2.14 -10.35
C TRP A 225 -3.47 1.49 -10.88
N GLN A 226 -4.21 2.18 -11.75
CA GLN A 226 -5.45 1.62 -12.29
C GLN A 226 -5.24 0.35 -13.10
N GLU A 227 -4.32 0.42 -14.05
CA GLU A 227 -4.02 -0.72 -14.91
C GLU A 227 -3.36 -1.87 -14.12
N THR A 228 -2.50 -1.55 -13.15
CA THR A 228 -1.82 -2.60 -12.41
C THR A 228 -2.83 -3.35 -11.57
N THR A 229 -3.79 -2.63 -11.00
CA THR A 229 -4.82 -3.25 -10.18
C THR A 229 -5.62 -4.26 -10.99
N ILE A 230 -5.97 -3.88 -12.23
CA ILE A 230 -6.68 -4.80 -13.11
C ILE A 230 -5.88 -6.08 -13.36
N ALA A 231 -4.62 -5.93 -13.70
CA ALA A 231 -3.81 -7.08 -14.01
C ALA A 231 -3.67 -7.99 -12.81
N VAL A 232 -3.46 -7.39 -11.63
CA VAL A 232 -3.38 -8.19 -10.41
C VAL A 232 -4.68 -8.96 -10.16
N GLU A 233 -5.80 -8.25 -10.24
CA GLU A 233 -7.12 -8.91 -10.09
C GLU A 233 -7.26 -10.13 -11.01
N GLU A 234 -6.90 -9.97 -12.29
CA GLU A 234 -7.04 -11.07 -13.26
C GLU A 234 -6.12 -12.25 -12.99
N LEU A 235 -4.88 -11.97 -12.61
CA LEU A 235 -3.94 -13.01 -12.27
C LEU A 235 -4.35 -13.79 -11.04
N LEU A 236 -4.80 -13.08 -10.02
CA LEU A 236 -5.31 -13.74 -8.81
C LEU A 236 -6.50 -14.63 -9.13
N LYS A 237 -7.40 -14.17 -10.00
CA LYS A 237 -8.53 -15.04 -10.48
C LYS A 237 -8.09 -16.28 -11.18
N ALA A 238 -6.96 -16.19 -11.90
CA ALA A 238 -6.38 -17.34 -12.57
C ALA A 238 -5.67 -18.27 -11.63
N GLY A 239 -5.50 -17.89 -10.36
CA GLY A 239 -4.93 -18.78 -9.38
C GLY A 239 -3.43 -18.69 -9.14
N TYR A 240 -2.80 -17.58 -9.55
CA TYR A 240 -1.37 -17.37 -9.29
C TYR A 240 -1.15 -16.18 -8.32
N PRO A 241 -0.49 -16.43 -7.18
CA PRO A 241 -0.22 -15.38 -6.23
C PRO A 241 0.82 -14.42 -6.77
N CYS A 242 0.83 -13.25 -6.17
CA CYS A 242 1.75 -12.23 -6.62
CA CYS A 242 1.56 -12.08 -6.64
C CYS A 242 2.28 -11.40 -5.46
N PHE A 243 3.26 -10.54 -5.78
CA PHE A 243 3.98 -9.80 -4.74
C PHE A 243 4.51 -8.55 -5.42
N MET A 244 4.08 -7.38 -4.96
CA MET A 244 4.58 -6.10 -5.50
C MET A 244 6.02 -5.86 -5.00
N THR A 245 6.98 -5.70 -5.90
CA THR A 245 8.38 -5.48 -5.47
C THR A 245 8.99 -4.11 -5.74
N GLU A 246 8.32 -3.28 -6.54
CA GLU A 246 8.81 -1.93 -6.81
C GLU A 246 7.76 -1.06 -7.43
N TYR A 247 7.47 0.06 -6.76
CA TYR A 247 6.52 1.04 -7.28
C TYR A 247 6.66 2.38 -6.58
N ALA A 248 6.15 3.42 -7.24
CA ALA A 248 6.18 4.76 -6.67
C ALA A 248 5.14 5.61 -7.34
N GLY A 249 4.78 6.72 -6.72
CA GLY A 249 3.73 7.61 -7.21
C GLY A 249 4.17 8.44 -8.37
N GLY A 258 7.47 9.40 -4.24
CA GLY A 258 6.84 8.97 -2.98
C GLY A 258 5.93 7.76 -3.10
N LEU A 259 5.35 7.34 -1.98
CA LEU A 259 4.41 6.20 -1.95
C LEU A 259 3.26 6.42 -2.91
N ASP A 260 2.97 5.42 -3.73
CA ASP A 260 1.75 5.39 -4.54
C ASP A 260 0.61 4.96 -3.63
N VAL A 261 -0.11 5.97 -3.10
CA VAL A 261 -1.18 5.72 -2.13
C VAL A 261 -2.30 4.90 -2.75
N GLU A 262 -2.70 5.22 -3.97
CA GLU A 262 -3.83 4.55 -4.61
C GLU A 262 -3.52 3.05 -4.85
N LEU A 263 -2.34 2.77 -5.36
CA LEU A 263 -1.97 1.38 -5.60
C LEU A 263 -1.80 0.64 -4.28
N THR A 264 -1.27 1.30 -3.26
CA THR A 264 -1.12 0.66 -1.94
C THR A 264 -2.51 0.27 -1.40
N TYR A 265 -3.47 1.19 -1.52
CA TYR A 265 -4.87 0.91 -1.15
C TYR A 265 -5.42 -0.33 -1.84
N GLU A 266 -5.20 -0.43 -3.15
CA GLU A 266 -5.69 -1.61 -3.91
C GLU A 266 -4.97 -2.90 -3.52
N LEU A 267 -3.66 -2.84 -3.30
CA LEU A 267 -2.90 -4.04 -2.91
C LEU A 267 -3.34 -4.52 -1.51
N GLU A 268 -3.55 -3.58 -0.60
CA GLU A 268 -4.11 -3.89 0.71
C GLU A 268 -5.46 -4.61 0.58
N ARG A 269 -6.33 -4.09 -0.27
CA ARG A 269 -7.65 -4.67 -0.52
C ARG A 269 -7.54 -6.07 -1.09
N LEU A 270 -6.65 -6.26 -2.05
CA LEU A 270 -6.50 -7.55 -2.70
C LEU A 270 -5.72 -8.60 -1.93
N GLY A 271 -4.99 -8.20 -0.89
CA GLY A 271 -4.19 -9.14 -0.09
C GLY A 271 -2.85 -9.47 -0.77
N VAL A 272 -2.14 -8.41 -1.17
CA VAL A 272 -0.87 -8.54 -1.86
C VAL A 272 0.23 -7.77 -1.10
N SER A 273 1.31 -8.45 -0.80
CA SER A 273 2.49 -7.87 -0.17
C SER A 273 3.15 -6.84 -1.08
N TRP A 274 3.86 -5.88 -0.49
CA TRP A 274 4.43 -4.81 -1.29
C TRP A 274 5.72 -4.22 -0.73
N LEU A 275 6.59 -3.87 -1.68
CA LEU A 275 7.87 -3.23 -1.38
C LEU A 275 7.88 -1.95 -2.19
N THR A 276 7.90 -0.83 -1.48
CA THR A 276 7.82 0.49 -2.12
C THR A 276 9.21 1.00 -2.51
N PHE A 277 9.29 1.84 -3.56
CA PHE A 277 10.57 2.32 -4.06
C PHE A 277 11.01 3.63 -3.41
N GLN A 278 11.11 3.59 -2.08
CA GLN A 278 11.75 4.64 -1.30
C GLN A 278 12.79 3.91 -0.45
N TYR A 279 13.93 4.56 -0.28
CA TYR A 279 15.12 3.92 0.30
C TYR A 279 15.32 4.16 1.81
N ILE A 280 16.01 3.22 2.43
CA ILE A 280 16.48 3.34 3.80
C ILE A 280 17.70 4.25 3.77
N PRO A 281 17.73 5.30 4.61
CA PRO A 281 18.94 6.15 4.64
C PRO A 281 20.22 5.34 4.89
N PRO A 282 21.37 5.79 4.41
CA PRO A 282 21.59 7.17 3.97
C PRO A 282 21.39 7.45 2.47
N THR A 283 21.28 6.43 1.63
CA THR A 283 21.31 6.70 0.20
C THR A 283 20.57 5.70 -0.64
N GLY A 284 20.13 6.16 -1.80
CA GLY A 284 19.44 5.34 -2.81
C GLY A 284 19.16 6.20 -4.03
N VAL A 285 18.69 5.57 -5.12
CA VAL A 285 18.50 6.26 -6.41
C VAL A 285 17.19 7.04 -6.54
N SER A 286 16.29 6.91 -5.55
CA SER A 286 14.99 7.56 -5.60
C SER A 286 14.85 8.50 -4.40
N ASP A 287 13.88 8.27 -3.50
CA ASP A 287 13.62 9.16 -2.38
C ASP A 287 13.66 8.42 -1.03
N ASP A 288 14.03 9.15 0.00
CA ASP A 288 14.23 8.61 1.36
C ASP A 288 12.89 8.32 2.01
N VAL A 289 12.68 7.07 2.44
CA VAL A 289 11.41 6.63 3.03
C VAL A 289 11.14 7.28 4.39
N THR A 290 12.18 7.78 5.06
CA THR A 290 12.01 8.40 6.35
C THR A 290 11.63 9.88 6.26
N LYS A 291 11.64 10.47 5.08
CA LYS A 291 11.16 11.83 4.94
C LYS A 291 9.64 11.79 4.85
N PRO A 292 8.94 12.53 5.74
CA PRO A 292 7.48 12.40 5.80
C PRO A 292 6.79 12.64 4.50
N GLU A 293 7.27 13.63 3.73
CA GLU A 293 6.68 13.96 2.42
C GLU A 293 6.67 12.83 1.40
N TYR A 294 7.53 11.82 1.54
CA TYR A 294 7.55 10.68 0.62
C TYR A 294 6.92 9.42 1.14
N PHE A 295 6.49 9.40 2.40
CA PHE A 295 5.80 8.21 2.92
C PHE A 295 4.85 8.52 4.07
N SER A 296 5.34 8.82 5.26
CA SER A 296 4.47 8.83 6.45
C SER A 296 3.36 9.87 6.37
N ALA A 297 3.65 11.03 5.78
CA ALA A 297 2.64 12.07 5.62
C ALA A 297 1.59 11.65 4.60
N LEU A 298 2.03 10.96 3.56
CA LEU A 298 1.11 10.47 2.55
C LEU A 298 0.14 9.45 3.19
N VAL A 299 0.68 8.55 4.01
CA VAL A 299 -0.12 7.54 4.70
C VAL A 299 -1.10 8.27 5.65
N GLU A 300 -0.57 9.14 6.48
CA GLU A 300 -1.37 9.88 7.47
C GLU A 300 -2.55 10.67 6.83
N ASN A 301 -2.26 11.41 5.77
CA ASN A 301 -3.24 12.29 5.15
C ASN A 301 -4.33 11.50 4.41
N SER A 302 -3.96 10.34 3.90
CA SER A 302 -4.87 9.53 3.11
C SER A 302 -5.86 8.72 3.97
N GLY A 303 -5.49 8.44 5.22
CA GLY A 303 -6.26 7.48 6.03
C GLY A 303 -5.88 6.03 5.80
N LEU A 304 -4.88 5.75 4.96
CA LEU A 304 -4.43 4.38 4.75
C LEU A 304 -3.99 3.77 6.08
N SER A 305 -4.38 2.52 6.33
CA SER A 305 -3.91 1.84 7.53
C SER A 305 -3.85 0.33 7.31
N TRP A 306 -2.91 -0.27 8.02
CA TRP A 306 -2.73 -1.71 8.10
C TRP A 306 -2.23 -2.01 9.51
N THR A 307 -2.23 -3.30 9.89
CA THR A 307 -1.73 -3.68 11.20
C THR A 307 -0.20 -3.85 11.14
N PRO A 308 0.58 -2.97 11.81
CA PRO A 308 2.02 -3.10 11.69
C PRO A 308 2.54 -4.21 12.62
N ASP A 309 3.60 -4.89 12.23
CA ASP A 309 4.23 -5.90 13.12
C ASP A 309 4.82 -5.25 14.37
N TYR A 310 5.28 -4.00 14.26
CA TYR A 310 5.94 -3.32 15.38
C TYR A 310 5.35 -1.94 15.58
N GLY A 311 5.25 -1.54 16.85
CA GLY A 311 4.80 -0.19 17.21
C GLY A 311 3.30 -0.03 17.07
N ASN A 312 2.82 1.22 16.99
CA ASN A 312 1.39 1.46 16.83
C ASN A 312 1.10 2.45 15.71
N TRP A 313 1.94 2.44 14.69
CA TRP A 313 1.76 3.31 13.54
C TRP A 313 1.90 2.44 12.26
N PRO A 314 0.94 2.53 11.33
CA PRO A 314 -0.24 3.40 11.40
C PRO A 314 -1.19 2.94 12.51
N ALA A 315 -2.00 3.87 13.02
CA ALA A 315 -2.95 3.52 14.10
C ALA A 315 -4.04 2.68 13.54
N ALA A 316 -4.57 1.76 14.35
CA ALA A 316 -5.71 0.95 13.96
C ALA A 316 -6.93 1.86 13.72
N ARG A 317 -7.52 1.73 12.55
CA ARG A 317 -8.67 2.56 12.18
C ARG A 317 -9.33 1.97 10.96
N GLY A 318 -10.51 2.48 10.63
CA GLY A 318 -11.17 2.08 9.39
C GLY A 318 -12.43 2.87 9.12
N VAL A 319 -12.98 2.61 7.95
CA VAL A 319 -14.23 3.24 7.53
C VAL A 319 -15.36 2.56 8.21
N TYR A 320 -16.30 3.35 8.74
CA TYR A 320 -17.49 2.81 9.37
C TYR A 320 -18.58 2.70 8.31
N GLY A 321 -19.02 1.47 8.06
CA GLY A 321 -20.02 1.22 7.04
C GLY A 321 -19.35 1.16 5.70
N ASN A 322 -20.15 1.27 4.65
CA ASN A 322 -19.68 1.21 3.25
C ASN A 322 -18.81 -0.02 2.97
N GLY A 323 -19.10 -1.12 3.67
CA GLY A 323 -18.31 -2.34 3.60
C GLY A 323 -16.84 -2.16 3.90
N GLY A 324 -16.49 -1.14 4.69
CA GLY A 324 -15.11 -0.85 4.99
C GLY A 324 -14.30 -0.20 3.88
N LEU A 325 -14.93 0.11 2.74
CA LEU A 325 -14.24 0.73 1.62
C LEU A 325 -14.25 2.25 1.78
N ALA A 326 -13.20 2.90 1.34
CA ALA A 326 -13.19 4.37 1.34
C ALA A 326 -14.40 4.84 0.59
N ARG A 327 -15.09 5.85 1.11
CA ARG A 327 -16.28 6.42 0.43
C ARG A 327 -15.92 7.21 -0.82
N GLU A 328 -16.23 6.64 -1.97
CA GLU A 328 -15.91 7.28 -3.23
C GLU A 328 -16.91 8.39 -3.59
N THR A 329 -16.40 9.51 -4.10
CA THR A 329 -17.29 10.62 -4.47
C THR A 329 -18.07 10.30 -5.73
N ALA A 330 -19.27 10.84 -5.82
CA ALA A 330 -20.13 10.63 -6.99
C ALA A 330 -19.71 11.53 -8.16
N THR A 331 -20.14 11.16 -9.38
CA THR A 331 -19.94 11.98 -10.56
C THR A 331 -21.31 12.26 -11.19
N TRP A 332 -21.33 13.18 -12.16
CA TRP A 332 -22.51 13.50 -12.95
C TRP A 332 -22.45 12.76 -14.29
N ILE A 333 -23.57 12.18 -14.69
CA ILE A 333 -23.84 11.80 -16.10
C ILE A 333 -25.07 12.61 -16.51
N ASN A 334 -24.92 13.41 -17.56
CA ASN A 334 -25.96 14.36 -17.95
C ASN A 334 -26.43 15.16 -16.72
N ASN A 335 -27.69 15.03 -16.31
CA ASN A 335 -28.17 15.80 -15.20
C ASN A 335 -28.36 14.97 -13.90
N PHE A 336 -27.80 13.75 -13.83
CA PHE A 336 -27.94 12.92 -12.62
C PHE A 336 -26.62 12.44 -12.02
N LEU A 337 -26.71 12.07 -10.75
CA LEU A 337 -25.59 11.69 -9.92
C LEU A 337 -25.49 10.17 -9.92
N THR A 338 -24.28 9.67 -10.07
CA THR A 338 -24.06 8.23 -10.27
C THR A 338 -24.15 7.43 -8.99
N GLY A 339 -24.12 8.10 -7.84
CA GLY A 339 -24.13 7.40 -6.56
C GLY A 339 -24.35 8.41 -5.45
N THR A 340 -24.41 7.94 -4.21
CA THR A 340 -24.71 8.84 -3.10
C THR A 340 -23.61 9.86 -2.92
N THR A 341 -24.03 11.06 -2.59
CA THR A 341 -23.11 12.14 -2.24
C THR A 341 -23.05 12.29 -0.71
N ARG A 342 -23.92 11.60 0.01
CA ARG A 342 -24.13 11.86 1.46
C ARG A 342 -23.32 10.94 2.36
N ILE A 343 -22.52 11.53 3.25
CA ILE A 343 -21.80 10.82 4.28
C ILE A 343 -22.47 11.19 5.61
N GLU A 344 -23.07 10.22 6.27
CA GLU A 344 -23.71 10.46 7.57
C GLU A 344 -22.66 10.84 8.59
N ALA A 345 -22.96 11.86 9.38
CA ALA A 345 -21.99 12.40 10.35
C ALA A 345 -21.63 11.35 11.37
N GLU A 346 -22.62 10.53 11.69
CA GLU A 346 -22.49 9.42 12.62
C GLU A 346 -21.65 8.22 12.10
N ASP A 347 -21.21 8.27 10.84
CA ASP A 347 -20.36 7.25 10.21
C ASP A 347 -18.89 7.68 10.07
N PHE A 348 -18.44 8.47 11.03
CA PHE A 348 -17.01 8.83 11.19
C PHE A 348 -16.16 7.53 11.28
N ASP A 349 -14.90 7.62 10.84
CA ASP A 349 -14.00 6.48 10.92
C ASP A 349 -13.91 5.95 12.35
N TRP A 350 -13.90 4.63 12.50
CA TRP A 350 -13.55 4.05 13.78
C TRP A 350 -12.03 4.09 13.99
N GLY A 351 -11.60 3.97 15.25
CA GLY A 351 -10.19 4.09 15.60
C GLY A 351 -9.96 4.61 17.00
N GLY A 352 -10.71 5.64 17.37
CA GLY A 352 -10.85 6.03 18.76
C GLY A 352 -10.48 7.47 19.00
N ASN A 353 -10.55 7.82 20.27
CA ASN A 353 -10.45 9.19 20.70
C ASN A 353 -9.03 9.64 20.54
N GLY A 354 -8.82 10.69 19.77
CA GLY A 354 -7.50 11.15 19.43
C GLY A 354 -6.92 10.51 18.19
N VAL A 355 -7.61 9.52 17.61
CA VAL A 355 -7.15 8.84 16.39
C VAL A 355 -8.07 9.18 15.19
N SER A 356 -9.33 8.79 15.26
CA SER A 356 -10.30 9.02 14.17
C SER A 356 -11.35 10.11 14.51
N TYR A 357 -11.46 10.45 15.79
CA TYR A 357 -12.25 11.58 16.25
C TYR A 357 -11.59 12.09 17.51
N TYR A 358 -11.99 13.28 17.94
CA TYR A 358 -11.67 13.74 19.29
C TYR A 358 -12.95 14.22 19.97
N ASP A 359 -13.24 13.65 21.12
CA ASP A 359 -14.40 14.04 21.90
C ASP A 359 -13.99 14.36 23.34
N THR A 360 -14.58 15.42 23.88
CA THR A 360 -14.24 15.92 25.22
C THR A 360 -14.71 15.00 26.34
N ASP A 361 -15.68 14.09 26.10
CA ASP A 361 -16.10 13.05 27.07
CA ASP A 361 -15.95 13.04 27.09
C ASP A 361 -16.00 11.66 26.45
N SER A 362 -15.45 10.69 27.18
CA SER A 362 -15.26 9.35 26.64
C SER A 362 -16.55 8.61 26.41
N VAL A 363 -17.62 8.99 27.11
CA VAL A 363 -18.92 8.37 26.93
C VAL A 363 -19.64 9.06 25.75
N ASN A 364 -20.40 8.29 25.00
CA ASN A 364 -21.41 8.80 24.06
C ASN A 364 -22.62 9.17 24.90
N VAL A 365 -22.78 10.46 25.19
CA VAL A 365 -23.83 10.89 26.13
C VAL A 365 -25.23 10.80 25.52
N GLY A 366 -25.32 10.75 24.20
CA GLY A 366 -26.59 10.52 23.52
C GLY A 366 -27.03 9.07 23.55
N GLY A 367 -26.08 8.17 23.72
CA GLY A 367 -26.35 6.77 23.81
C GLY A 367 -26.70 5.99 22.56
N GLN A 368 -26.82 6.65 21.40
CA GLN A 368 -27.38 6.00 20.22
C GLN A 368 -26.31 5.56 19.21
N TYR A 369 -26.66 4.55 18.43
CA TYR A 369 -25.97 4.16 17.18
C TYR A 369 -24.63 3.48 17.40
N ARG A 370 -23.70 4.20 18.00
CA ARG A 370 -22.37 3.68 18.37
C ARG A 370 -22.13 3.99 19.85
N PRO A 371 -22.85 3.26 20.72
CA PRO A 371 -22.83 3.55 22.15
C PRO A 371 -21.48 3.37 22.83
N ASP A 372 -20.58 2.59 22.24
CA ASP A 372 -19.34 2.25 22.87
C ASP A 372 -18.14 3.07 22.37
N GLU A 373 -18.39 4.10 21.56
CA GLU A 373 -17.37 5.06 21.17
C GLU A 373 -17.73 6.41 21.78
N GLY A 374 -16.82 7.35 21.67
CA GLY A 374 -16.90 8.62 22.38
C GLY A 374 -17.73 9.72 21.75
N VAL A 375 -18.01 9.64 20.46
CA VAL A 375 -18.80 10.69 19.82
C VAL A 375 -20.25 10.64 20.33
N ASP A 376 -20.82 11.81 20.55
CA ASP A 376 -22.17 11.91 21.14
C ASP A 376 -23.21 11.91 20.04
N ILE A 377 -24.06 10.88 20.02
CA ILE A 377 -25.01 10.63 18.96
C ILE A 377 -26.43 10.45 19.50
N GLU A 378 -27.38 11.13 18.87
CA GLU A 378 -28.82 11.05 19.20
C GLU A 378 -29.65 10.79 17.93
N LYS A 379 -30.89 10.33 18.10
CA LYS A 379 -31.84 10.26 16.98
C LYS A 379 -32.17 11.67 16.49
N THR A 380 -32.32 11.84 15.18
CA THR A 380 -32.67 13.13 14.60
C THR A 380 -34.10 13.14 14.10
N SER A 381 -34.75 14.30 14.20
CA SER A 381 -36.06 14.49 13.60
C SER A 381 -35.96 15.12 12.19
N ASP A 382 -34.74 15.34 11.68
CA ASP A 382 -34.57 15.89 10.34
C ASP A 382 -35.13 14.96 9.28
N THR A 383 -35.38 15.51 8.09
CA THR A 383 -35.87 14.75 6.94
C THR A 383 -34.98 13.54 6.72
N GLY A 384 -35.59 12.37 6.64
CA GLY A 384 -34.88 11.14 6.43
C GLY A 384 -34.52 10.39 7.70
N GLY A 385 -34.75 11.00 8.85
CA GLY A 385 -34.52 10.28 10.10
C GLY A 385 -33.07 9.86 10.34
N GLY A 386 -32.89 8.76 11.06
CA GLY A 386 -31.55 8.30 11.45
C GLY A 386 -31.05 9.08 12.65
N TYR A 387 -29.79 9.51 12.61
CA TYR A 387 -29.08 10.10 13.77
C TYR A 387 -28.34 11.38 13.43
N ASN A 388 -28.01 12.13 14.44
CA ASN A 388 -27.09 13.27 14.29
C ASN A 388 -26.05 13.25 15.40
N VAL A 389 -24.88 13.81 15.09
CA VAL A 389 -23.88 14.06 16.10
C VAL A 389 -24.32 15.30 16.87
N GLY A 390 -24.26 15.23 18.18
CA GLY A 390 -24.67 16.35 19.06
C GLY A 390 -23.61 16.54 20.12
N TRP A 391 -23.90 17.40 21.12
CA TRP A 391 -22.92 17.68 22.19
C TRP A 391 -21.51 17.97 21.59
N ILE A 392 -21.50 18.78 20.54
CA ILE A 392 -20.27 19.15 19.91
C ILE A 392 -19.68 20.32 20.69
N SER A 393 -18.41 20.20 21.09
CA SER A 393 -17.74 21.27 21.84
CA SER A 393 -17.71 21.22 21.88
C SER A 393 -16.48 21.69 21.12
N GLU A 394 -16.02 22.89 21.49
CA GLU A 394 -14.88 23.52 20.87
C GLU A 394 -13.68 22.57 20.89
N GLY A 395 -13.01 22.46 19.74
CA GLY A 395 -11.85 21.60 19.66
C GLY A 395 -12.10 20.14 19.26
N GLU A 396 -13.36 19.68 19.29
CA GLU A 396 -13.69 18.34 18.85
C GLU A 396 -13.51 18.24 17.35
N TRP A 397 -13.32 17.01 16.88
CA TRP A 397 -13.17 16.77 15.45
C TRP A 397 -13.57 15.33 15.07
N LEU A 398 -13.88 15.16 13.78
CA LEU A 398 -14.40 13.94 13.24
C LEU A 398 -13.74 13.70 11.88
N GLU A 399 -13.25 12.48 11.63
CA GLU A 399 -12.60 12.16 10.36
C GLU A 399 -13.40 11.09 9.60
N TYR A 400 -13.41 11.25 8.26
CA TYR A 400 -14.12 10.38 7.33
C TYR A 400 -13.16 10.07 6.17
N THR A 401 -12.81 8.81 5.97
CA THR A 401 -11.94 8.46 4.85
C THR A 401 -12.73 8.33 3.56
N ILE A 402 -12.36 9.14 2.57
CA ILE A 402 -13.06 9.25 1.31
C ILE A 402 -12.04 9.04 0.20
N ARG A 403 -12.57 8.96 -1.03
CA ARG A 403 -11.75 8.82 -2.24
C ARG A 403 -12.33 9.71 -3.31
N VAL A 404 -11.62 10.79 -3.63
CA VAL A 404 -12.11 11.78 -4.57
C VAL A 404 -11.77 11.27 -5.98
N ARG A 405 -12.81 11.00 -6.74
CA ARG A 405 -12.65 10.31 -8.03
CA ARG A 405 -12.74 10.34 -8.05
C ARG A 405 -11.96 11.21 -9.05
N ASN A 406 -12.36 12.48 -9.12
CA ASN A 406 -11.77 13.44 -10.04
C ASN A 406 -11.34 14.74 -9.32
N PRO A 407 -10.16 15.26 -9.63
CA PRO A 407 -9.80 16.54 -9.02
C PRO A 407 -10.70 17.68 -9.52
N GLY A 408 -10.81 18.76 -8.74
CA GLY A 408 -11.55 19.95 -9.18
C GLY A 408 -12.45 20.54 -8.09
N TYR A 409 -13.41 21.36 -8.52
CA TYR A 409 -14.29 22.04 -7.58
C TYR A 409 -15.46 21.17 -7.17
N TYR A 410 -15.78 21.22 -5.89
CA TYR A 410 -16.91 20.46 -5.30
C TYR A 410 -17.74 21.40 -4.43
N ASN A 411 -19.03 21.16 -4.40
CA ASN A 411 -19.88 21.75 -3.37
C ASN A 411 -19.81 20.88 -2.13
N LEU A 412 -19.36 21.45 -1.02
CA LEU A 412 -19.32 20.78 0.26
C LEU A 412 -20.48 21.31 1.08
N SER A 413 -21.38 20.42 1.50
CA SER A 413 -22.56 20.80 2.26
C SER A 413 -22.53 20.13 3.66
N LEU A 414 -22.93 20.90 4.67
CA LEU A 414 -23.08 20.41 6.03
C LEU A 414 -24.52 20.66 6.43
N ARG A 415 -25.17 19.61 6.89
CA ARG A 415 -26.55 19.68 7.38
C ARG A 415 -26.46 19.89 8.90
N VAL A 416 -26.83 21.10 9.33
CA VAL A 416 -26.53 21.61 10.67
C VAL A 416 -27.75 22.27 11.33
N ALA A 417 -27.70 22.30 12.65
CA ALA A 417 -28.73 22.95 13.46
C ALA A 417 -27.99 23.56 14.66
N GLY A 418 -28.44 24.72 15.10
CA GLY A 418 -27.84 25.33 16.30
C GLY A 418 -28.74 26.38 16.91
N ILE A 419 -28.81 26.42 18.24
CA ILE A 419 -29.65 27.42 18.91
C ILE A 419 -29.07 28.75 18.59
N SER A 420 -27.77 28.88 18.79
CA SER A 420 -27.02 30.07 18.42
C SER A 420 -25.97 29.86 17.31
N GLY A 421 -25.06 30.83 17.15
CA GLY A 421 -24.05 30.85 16.09
C GLY A 421 -22.90 29.92 16.41
N SER A 422 -22.26 29.39 15.38
CA SER A 422 -21.11 28.49 15.58
C SER A 422 -20.09 28.64 14.47
N ARG A 423 -18.95 27.95 14.61
CA ARG A 423 -17.85 28.03 13.63
C ARG A 423 -17.24 26.64 13.41
N VAL A 424 -16.98 26.30 12.14
CA VAL A 424 -16.32 25.04 11.80
C VAL A 424 -15.25 25.36 10.79
N GLN A 425 -14.39 24.37 10.57
CA GLN A 425 -13.39 24.41 9.52
C GLN A 425 -13.20 22.95 9.03
N VAL A 426 -13.02 22.76 7.72
CA VAL A 426 -12.92 21.41 7.14
C VAL A 426 -11.63 21.24 6.36
N SER A 427 -10.86 20.21 6.74
CA SER A 427 -9.63 19.82 6.05
C SER A 427 -9.83 18.58 5.23
N PHE A 428 -9.05 18.49 4.15
CA PHE A 428 -9.03 17.32 3.30
C PHE A 428 -7.57 16.91 3.16
N GLY A 429 -7.24 15.70 3.60
CA GLY A 429 -5.83 15.25 3.60
C GLY A 429 -4.93 16.15 4.44
N ASN A 430 -5.51 16.66 5.53
CA ASN A 430 -4.87 17.59 6.44
C ASN A 430 -4.51 18.94 5.81
N GLN A 431 -5.23 19.33 4.76
CA GLN A 431 -5.11 20.68 4.15
C GLN A 431 -6.42 21.39 4.34
N ASP A 432 -6.36 22.63 4.84
CA ASP A 432 -7.58 23.41 5.06
C ASP A 432 -8.22 23.76 3.75
N LYS A 433 -9.47 23.38 3.54
CA LYS A 433 -10.14 23.73 2.28
C LYS A 433 -11.21 24.83 2.41
N THR A 434 -11.56 25.20 3.63
CA THR A 434 -12.69 26.11 3.88
C THR A 434 -12.34 27.42 4.56
N GLY A 435 -11.25 27.46 5.33
CA GLY A 435 -11.03 28.50 6.32
C GLY A 435 -12.11 28.44 7.39
N VAL A 436 -12.26 29.54 8.13
CA VAL A 436 -13.26 29.60 9.17
C VAL A 436 -14.61 29.71 8.49
N TRP A 437 -15.55 28.87 8.88
CA TRP A 437 -16.85 28.81 8.22
C TRP A 437 -17.88 29.11 9.32
N GLU A 438 -18.50 30.29 9.22
CA GLU A 438 -19.49 30.74 10.21
C GLU A 438 -20.81 30.03 9.91
N LEU A 439 -21.39 29.39 10.91
CA LEU A 439 -22.69 28.76 10.81
C LEU A 439 -23.64 29.62 11.65
N PRO A 440 -24.49 30.45 11.01
CA PRO A 440 -25.42 31.24 11.85
C PRO A 440 -26.51 30.36 12.56
N ALA A 441 -27.05 30.86 13.67
CA ALA A 441 -28.12 30.17 14.39
C ALA A 441 -29.26 29.76 13.52
N THR A 442 -29.79 28.56 13.73
CA THR A 442 -31.09 28.17 13.17
C THR A 442 -32.28 28.36 14.14
N GLY A 443 -31.98 28.62 15.41
CA GLY A 443 -33.02 28.75 16.45
C GLY A 443 -33.38 27.49 17.19
N GLY A 444 -32.82 26.34 16.81
CA GLY A 444 -33.07 25.12 17.53
C GLY A 444 -32.15 24.00 17.11
N PHE A 445 -31.90 23.08 18.02
CA PHE A 445 -31.00 21.94 17.80
C PHE A 445 -31.61 20.85 16.93
N GLN A 446 -32.92 20.92 16.66
CA GLN A 446 -33.51 20.12 15.62
C GLN A 446 -34.22 20.97 14.57
N THR A 447 -33.73 22.18 14.34
CA THR A 447 -34.16 23.04 13.27
C THR A 447 -32.99 23.06 12.29
N TRP A 448 -33.16 22.38 11.16
CA TRP A 448 -32.05 22.02 10.28
C TRP A 448 -31.93 22.93 9.08
N THR A 449 -30.70 23.24 8.70
CA THR A 449 -30.41 23.97 7.48
C THR A 449 -29.19 23.33 6.80
N THR A 450 -29.07 23.58 5.50
CA THR A 450 -27.89 23.11 4.76
C THR A 450 -26.94 24.28 4.45
N ALA A 451 -25.73 24.22 4.98
CA ALA A 451 -24.70 25.20 4.72
C ALA A 451 -23.76 24.65 3.62
N THR A 452 -23.44 25.46 2.61
CA THR A 452 -22.65 24.98 1.46
C THR A 452 -21.50 25.90 1.19
N ARG A 453 -20.33 25.31 0.88
CA ARG A 453 -19.15 26.09 0.49
C ARG A 453 -18.47 25.36 -0.65
N GLN A 454 -17.91 26.09 -1.60
CA GLN A 454 -17.21 25.50 -2.72
CA GLN A 454 -17.20 25.49 -2.71
C GLN A 454 -15.78 25.21 -2.28
N VAL A 455 -15.30 23.99 -2.57
CA VAL A 455 -13.94 23.63 -2.22
C VAL A 455 -13.24 23.09 -3.47
N PHE A 456 -11.91 23.15 -3.49
CA PHE A 456 -11.12 22.59 -4.58
C PHE A 456 -10.31 21.41 -4.04
N LEU A 457 -10.56 20.22 -4.57
CA LEU A 457 -10.00 18.98 -4.06
C LEU A 457 -9.05 18.34 -5.08
N GLY A 458 -7.98 17.75 -4.59
CA GLY A 458 -7.22 16.79 -5.36
C GLY A 458 -7.88 15.42 -5.38
N ALA A 459 -7.50 14.59 -6.35
CA ALA A 459 -8.09 13.26 -6.49
C ALA A 459 -7.45 12.34 -5.51
N GLY A 460 -8.12 11.25 -5.18
CA GLY A 460 -7.46 10.23 -4.40
C GLY A 460 -7.99 10.05 -2.99
N LEU A 461 -7.42 9.03 -2.34
CA LEU A 461 -7.75 8.67 -0.97
C LEU A 461 -7.31 9.84 -0.06
N GLN A 462 -8.20 10.31 0.79
CA GLN A 462 -7.91 11.43 1.68
C GLN A 462 -8.94 11.46 2.81
N LYS A 463 -8.50 11.94 3.98
CA LYS A 463 -9.44 12.07 5.09
C LYS A 463 -10.11 13.45 5.05
N LEU A 464 -11.43 13.47 5.17
CA LEU A 464 -12.18 14.70 5.39
C LEU A 464 -12.28 14.83 6.92
N ARG A 465 -11.82 15.96 7.44
CA ARG A 465 -11.88 16.19 8.86
C ARG A 465 -12.70 17.45 9.16
N ILE A 466 -13.75 17.28 9.96
CA ILE A 466 -14.56 18.38 10.46
C ILE A 466 -13.91 18.83 11.77
N ASN A 467 -13.49 20.09 11.84
CA ASN A 467 -12.99 20.68 13.09
C ASN A 467 -14.01 21.67 13.66
N ALA A 468 -14.51 21.38 14.87
CA ALA A 468 -15.42 22.26 15.55
C ALA A 468 -14.58 23.40 16.15
N LEU A 469 -14.73 24.60 15.59
CA LEU A 469 -14.01 25.75 16.17
C LEU A 469 -14.78 26.35 17.35
N SER A 470 -16.03 25.97 17.52
CA SER A 470 -16.87 26.33 18.67
C SER A 470 -17.82 25.17 18.87
N GLY A 471 -18.54 25.15 20.00
CA GLY A 471 -19.72 24.29 20.15
C GLY A 471 -20.97 24.93 19.58
N GLY A 472 -22.12 24.38 19.99
CA GLY A 472 -23.40 25.03 19.74
C GLY A 472 -24.07 24.61 18.43
N PHE A 473 -23.55 23.58 17.75
CA PHE A 473 -24.21 23.05 16.56
C PHE A 473 -24.26 21.53 16.59
N ASN A 474 -25.26 20.99 15.90
CA ASN A 474 -25.40 19.58 15.65
C ASN A 474 -25.10 19.33 14.14
N LEU A 475 -24.70 18.11 13.82
CA LEU A 475 -24.37 17.73 12.42
C LEU A 475 -25.06 16.43 12.07
N ASN A 476 -25.90 16.45 11.04
CA ASN A 476 -26.63 15.26 10.59
C ASN A 476 -25.80 14.48 9.55
N TRP A 477 -25.31 15.21 8.56
CA TRP A 477 -24.60 14.60 7.44
C TRP A 477 -23.79 15.65 6.68
N ILE A 478 -22.97 15.12 5.76
CA ILE A 478 -22.06 15.86 4.92
C ILE A 478 -22.35 15.42 3.49
N GLU A 479 -22.41 16.36 2.55
CA GLU A 479 -22.51 16.01 1.13
C GLU A 479 -21.40 16.67 0.36
N LEU A 480 -20.93 15.96 -0.65
CA LEU A 480 -19.90 16.43 -1.55
C LEU A 480 -20.37 16.12 -2.97
N SER A 481 -20.42 17.12 -3.85
CA SER A 481 -20.70 16.80 -5.27
C SER A 481 -19.93 17.71 -6.20
N PRO A 482 -19.52 17.18 -7.36
CA PRO A 482 -18.76 18.01 -8.27
C PRO A 482 -19.59 19.16 -8.79
N ILE A 483 -18.97 20.30 -9.04
CA ILE A 483 -19.70 21.50 -9.49
C ILE A 483 -20.50 21.25 -10.76
O1 XYP B . 16.01 0.34 -11.14
C1 XYP B . 16.60 -0.30 -9.98
C2 XYP B . 18.00 -0.77 -10.40
C3 XYP B . 18.98 -0.95 -9.22
C4 XYP B . 18.79 0.24 -8.23
C5 XYP B . 17.35 0.27 -7.71
O2 XYP B . 17.90 -2.00 -11.11
O3 XYP B . 20.31 -1.12 -9.75
O4 XYP B . 19.76 0.29 -7.15
O5 XYP B . 16.66 0.67 -8.91
O1 XYP C . -27.65 20.24 25.26
C1 XYP C . -28.04 19.63 24.02
C2 XYP C . -26.83 19.34 23.14
C3 XYP C . -27.35 19.22 21.69
C4 XYP C . -28.39 18.09 21.66
C5 XYP C . -29.41 18.14 22.84
O2 XYP C . -25.87 20.39 23.17
O3 XYP C . -26.23 19.10 20.77
O4 XYP C . -29.04 18.12 20.38
O5 XYP C . -28.74 18.37 24.11
CA CA D . -27.29 11.44 10.11
CA CA E . -18.91 15.65 22.11
CA CA F . -18.62 12.08 24.27
C1 144 G . -8.88 0.49 5.61
N 144 G . -9.20 1.80 5.00
C2 144 G . -8.74 2.98 5.71
O2 144 G . -9.77 3.14 6.71
C3 144 G . -10.28 2.13 3.99
O3 144 G . -10.80 1.09 3.18
C4 144 G . -8.04 1.74 3.95
O4 144 G . -6.67 1.60 4.39
C1 144 H . -7.67 -1.53 8.98
N 144 H . -7.27 -2.43 10.09
C2 144 H . -6.69 -3.76 9.83
O2 144 H . -5.90 -3.75 8.62
C3 144 H . -7.90 -2.28 11.38
O3 144 H . -7.36 -3.04 12.46
C4 144 H . -5.91 -1.76 10.47
O4 144 H . -5.93 -0.36 10.86
C1 144 I . 26.57 -16.65 5.73
N 144 I . 26.01 -16.17 7.04
C2 144 I . 25.36 -14.81 6.96
O2 144 I . 25.07 -14.18 8.23
C3 144 I . 25.02 -17.14 7.56
O3 144 I . 23.85 -17.19 6.75
C4 144 I . 27.12 -16.12 8.02
O4 144 I . 28.21 -15.30 7.57
#